data_3CI0
#
_entry.id   3CI0
#
_cell.length_a   96.118
_cell.length_b   96.118
_cell.length_c   108.436
_cell.angle_alpha   90.00
_cell.angle_beta   90.00
_cell.angle_gamma   90.00
#
_symmetry.space_group_name_H-M   'P 41 21 2'
#
loop_
_entity.id
_entity.type
_entity.pdbx_description
1 polymer 'Pseudopilin GspI'
2 polymer 'Pseudopilin GspJ'
3 polymer 'Pseudopilin GspK'
4 non-polymer 'CHLORIDE ION'
5 non-polymer 'CALCIUM ION'
6 water water
#
loop_
_entity_poly.entity_id
_entity_poly.type
_entity_poly.pdbx_seq_one_letter_code
_entity_poly.pdbx_strand_id
1 'polypeptide(L)'
;GAMSNQHVLEEKTVAGWVAENQTALLYL(MSE)TRGQRAVRQQGESD(MSE)AGSRWYWRTTPLSTGNALLQAVDIEVSL
HEDFSSVIQSRRAWFSA
;
I
2 'polypeptide(L)'
;MNSAVAGHDQKLNL(MSE)QQT(MSE)SFLTHDLTQ(MSE)(MSE)PRPVRGDQGQREPALLAGAGVLASESEG(MSE)R
FVRGGVVNPL(MSE)RLPRSNLLTVGYRIHDGYLERLAWPLTDAAGSVKPT(MSE)QKLIPADSLRLQFYDGTRWQESWS
SVQAIPVAVR(MSE)TLHSPQWGEIERIWLLRGPQ
;
J
3 'polypeptide(L)'
;GAMGRMQQQLGRTRSQQEYQQALWYSASAESLALSALSLSLKNEKRVHLEQPWASGPRFFPLPQGQIAVTLRDAQACFNL
NALAQPTTASRPLAVQQLIALISRLDVPAYRAELIAESLWEFIDEDRSVQTRLGREDSEYLARSVPFYAANQPLADISEM
RVVQGMDAGLYQKLKPLVCALPMTRQQININTLDVTQSVILEALFDPWLSPVQARALLQQRPAKGWEDVDQFLAQPLLAD
VDERTKKQLKTVLSVDSNYFWLRSDITVNEIELTMNSLIVRMGPQHFSVLWHQTGESE
;
K
#
# COMPACT_ATOMS: atom_id res chain seq x y z
N GLN A 6 26.77 2.49 -26.35
CA GLN A 6 26.36 3.57 -25.40
C GLN A 6 25.20 4.33 -26.01
N HIS A 7 25.37 4.73 -27.26
CA HIS A 7 24.30 5.35 -28.05
C HIS A 7 23.05 4.49 -28.15
N VAL A 8 23.24 3.18 -28.23
CA VAL A 8 22.11 2.24 -28.39
C VAL A 8 21.48 2.02 -27.02
N LEU A 9 22.30 1.93 -25.98
CA LEU A 9 21.83 1.89 -24.61
C LEU A 9 21.03 3.14 -24.30
N GLU A 10 21.52 4.31 -24.73
CA GLU A 10 20.78 5.56 -24.50
C GLU A 10 19.48 5.58 -25.28
N GLU A 11 19.52 5.11 -26.52
CA GLU A 11 18.31 4.99 -27.32
C GLU A 11 17.24 4.07 -26.71
N LYS A 12 17.64 2.89 -26.26
CA LYS A 12 16.72 1.94 -25.66
C LYS A 12 16.15 2.47 -24.34
N THR A 13 17.05 3.13 -23.57
CA THR A 13 16.65 3.78 -22.33
C THR A 13 15.56 4.85 -22.57
N VAL A 14 15.78 5.76 -23.51
CA VAL A 14 14.74 6.78 -23.78
C VAL A 14 13.49 6.13 -24.41
N ALA A 15 13.64 5.21 -25.37
CA ALA A 15 12.45 4.50 -25.89
C ALA A 15 11.71 3.74 -24.78
N GLY A 16 12.49 3.16 -23.86
CA GLY A 16 11.95 2.53 -22.68
C GLY A 16 11.06 3.44 -21.85
N TRP A 17 11.40 4.72 -21.74
CA TRP A 17 10.56 5.67 -20.98
C TRP A 17 9.19 5.84 -21.61
N VAL A 18 9.20 5.99 -22.93
CA VAL A 18 7.96 6.10 -23.71
C VAL A 18 7.08 4.87 -23.48
N ALA A 19 7.68 3.69 -23.53
CA ALA A 19 6.97 2.43 -23.35
C ALA A 19 6.33 2.34 -21.97
N GLU A 20 7.10 2.71 -20.95
CA GLU A 20 6.63 2.78 -19.57
C GLU A 20 5.51 3.76 -19.42
N ASN A 21 5.67 4.93 -20.02
CA ASN A 21 4.65 5.98 -19.93
C ASN A 21 3.36 5.51 -20.54
N GLN A 22 3.45 4.82 -21.67
CA GLN A 22 2.23 4.41 -22.36
C GLN A 22 1.59 3.19 -21.70
N THR A 23 2.38 2.40 -20.97
CA THR A 23 1.83 1.28 -20.20
C THR A 23 1.04 1.80 -19.00
N ALA A 24 1.62 2.75 -18.27
CA ALA A 24 0.90 3.42 -17.17
C ALA A 24 -0.45 3.94 -17.67
N LEU A 25 -0.46 4.67 -18.79
CA LEU A 25 -1.72 5.25 -19.31
C LEU A 25 -2.79 4.18 -19.67
N LEU A 26 -2.35 3.01 -20.10
CA LEU A 26 -3.28 1.92 -20.33
C LEU A 26 -4.01 1.52 -19.06
N TYR A 27 -3.36 1.60 -17.91
CA TYR A 27 -4.03 1.29 -16.64
C TYR A 27 -5.02 2.36 -16.18
N LEU A 28 -4.96 3.54 -16.78
CA LEU A 28 -5.92 4.61 -16.50
C LEU A 28 -7.14 4.56 -17.45
N THR A 30 -10.21 2.57 -19.87
CA THR A 30 -11.24 1.56 -19.66
C THR A 30 -10.89 0.29 -20.41
N ARG A 31 -11.65 -0.77 -20.13
CA ARG A 31 -11.47 -2.08 -20.76
C ARG A 31 -11.68 -2.01 -22.30
N GLY A 32 -12.72 -1.32 -22.72
CA GLY A 32 -13.03 -1.17 -24.14
C GLY A 32 -11.97 -0.41 -24.92
N GLN A 33 -11.33 0.56 -24.28
CA GLN A 33 -10.27 1.35 -24.92
C GLN A 33 -9.00 0.54 -25.11
N ARG A 34 -8.71 -0.30 -24.12
CA ARG A 34 -7.58 -1.21 -24.17
C ARG A 34 -7.77 -2.29 -25.23
N ALA A 35 -9.03 -2.62 -25.52
CA ALA A 35 -9.36 -3.63 -26.52
C ALA A 35 -9.08 -3.19 -27.96
N VAL A 36 -8.85 -1.90 -28.20
CA VAL A 36 -8.62 -1.46 -29.58
C VAL A 36 -7.23 -0.84 -29.74
N ARG A 37 -6.65 -1.04 -30.92
CA ARG A 37 -5.31 -0.56 -31.15
C ARG A 37 -5.26 0.97 -31.01
N GLN A 38 -4.23 1.44 -30.31
CA GLN A 38 -3.96 2.86 -30.19
C GLN A 38 -2.56 3.11 -30.71
N GLN A 39 -2.31 4.33 -31.17
CA GLN A 39 -0.98 4.72 -31.53
C GLN A 39 -0.85 6.22 -31.49
N GLY A 40 0.39 6.67 -31.30
CA GLY A 40 0.67 8.07 -31.33
C GLY A 40 2.15 8.40 -31.38
N GLU A 41 2.45 9.58 -30.90
CA GLU A 41 3.76 10.17 -31.06
C GLU A 41 4.10 10.84 -29.72
N SER A 42 5.33 10.65 -29.26
CA SER A 42 5.80 11.30 -28.04
C SER A 42 7.20 11.89 -28.25
N ASP A 43 7.36 13.18 -27.98
CA ASP A 43 8.65 13.84 -28.19
C ASP A 43 9.43 13.72 -26.92
N ALA A 45 13.35 13.75 -24.95
CA ALA A 45 14.79 13.96 -24.99
C ALA A 45 15.27 14.43 -26.38
N GLY A 46 14.50 15.33 -26.99
CA GLY A 46 14.84 15.88 -28.30
C GLY A 46 14.69 14.94 -29.50
N SER A 47 14.04 13.79 -29.33
CA SER A 47 13.73 12.94 -30.50
C SER A 47 12.26 12.56 -30.48
N ARG A 48 11.75 12.11 -31.61
CA ARG A 48 10.36 11.74 -31.72
C ARG A 48 10.18 10.24 -31.77
N TRP A 49 9.33 9.74 -30.88
CA TRP A 49 9.13 8.31 -30.71
C TRP A 49 7.68 7.97 -31.02
N TYR A 50 7.46 6.98 -31.87
CA TYR A 50 6.13 6.53 -32.19
C TYR A 50 5.82 5.32 -31.34
N TRP A 51 4.60 5.28 -30.81
CA TRP A 51 4.18 4.14 -29.98
C TRP A 51 2.86 3.63 -30.48
N ARG A 52 2.60 2.36 -30.21
CA ARG A 52 1.32 1.75 -30.48
C ARG A 52 1.05 0.58 -29.56
N THR A 53 -0.22 0.35 -29.26
CA THR A 53 -0.63 -0.66 -28.30
C THR A 53 -1.59 -1.59 -28.99
N THR A 54 -1.21 -2.87 -29.11
CA THR A 54 -1.96 -3.90 -29.80
C THR A 54 -2.43 -5.02 -28.85
N PRO A 55 -3.75 -5.16 -28.67
CA PRO A 55 -4.34 -6.29 -27.94
C PRO A 55 -3.87 -7.67 -28.43
N LEU A 56 -3.63 -8.58 -27.50
CA LEU A 56 -3.44 -10.00 -27.79
C LEU A 56 -4.50 -10.78 -27.02
N SER A 57 -4.82 -11.97 -27.49
CA SER A 57 -5.85 -12.79 -26.85
C SER A 57 -5.25 -13.63 -25.72
N THR A 58 -5.87 -13.54 -24.55
CA THR A 58 -5.38 -14.16 -23.34
C THR A 58 -6.09 -15.47 -23.13
N GLY A 59 -5.64 -16.23 -22.13
CA GLY A 59 -6.33 -17.47 -21.75
C GLY A 59 -7.50 -17.16 -20.84
N ASN A 60 -7.24 -16.37 -19.80
CA ASN A 60 -8.23 -16.11 -18.75
C ASN A 60 -9.24 -15.02 -19.13
N ALA A 61 -10.51 -15.32 -18.86
CA ALA A 61 -11.60 -14.38 -19.12
C ALA A 61 -11.65 -13.24 -18.09
N LEU A 63 -9.44 -11.19 -18.13
CA LEU A 63 -8.06 -10.69 -18.13
C LEU A 63 -7.61 -10.35 -19.55
N GLN A 64 -7.42 -9.06 -19.83
CA GLN A 64 -6.90 -8.57 -21.12
C GLN A 64 -5.38 -8.51 -21.16
N ALA A 65 -4.81 -8.65 -22.36
CA ALA A 65 -3.39 -8.38 -22.59
C ALA A 65 -3.24 -7.35 -23.69
N VAL A 66 -2.08 -6.69 -23.71
CA VAL A 66 -1.72 -5.68 -24.72
C VAL A 66 -0.20 -5.63 -24.88
N ASP A 67 0.29 -5.61 -26.11
CA ASP A 67 1.70 -5.28 -26.40
C ASP A 67 1.88 -3.77 -26.63
N ILE A 68 2.95 -3.21 -26.10
CA ILE A 68 3.27 -1.80 -26.29
C ILE A 68 4.56 -1.73 -27.07
N GLU A 69 4.54 -1.08 -28.23
CA GLU A 69 5.73 -0.99 -29.06
C GLU A 69 6.15 0.45 -29.27
N VAL A 70 7.47 0.65 -29.27
CA VAL A 70 8.06 1.95 -29.50
C VAL A 70 9.08 1.86 -30.63
N SER A 71 8.97 2.75 -31.60
CA SER A 71 9.90 2.79 -32.73
C SER A 71 10.28 4.24 -33.00
N LEU A 72 11.43 4.44 -33.64
CA LEU A 72 11.82 5.74 -34.16
C LEU A 72 11.08 6.04 -35.49
N HIS A 73 10.47 5.00 -36.07
CA HIS A 73 9.82 5.06 -37.39
C HIS A 73 8.30 5.16 -37.31
N GLU A 74 7.75 6.08 -38.09
CA GLU A 74 6.31 6.31 -38.14
C GLU A 74 5.54 5.05 -38.57
N ASP A 75 6.15 4.22 -39.42
CA ASP A 75 5.56 2.97 -39.90
C ASP A 75 5.85 1.78 -38.99
N PHE A 76 6.58 2.02 -37.90
CA PHE A 76 6.87 1.02 -36.85
C PHE A 76 7.76 -0.14 -37.26
N SER A 77 8.47 -0.01 -38.37
CA SER A 77 9.59 -0.87 -38.64
C SER A 77 10.63 -0.66 -37.53
N SER A 78 11.33 -1.73 -37.19
CA SER A 78 12.44 -1.70 -36.24
C SER A 78 12.04 -1.22 -34.85
N VAL A 79 11.31 -2.06 -34.13
CA VAL A 79 10.85 -1.75 -32.79
C VAL A 79 12.01 -1.75 -31.79
N ILE A 80 12.25 -0.59 -31.17
CA ILE A 80 13.33 -0.39 -30.22
C ILE A 80 12.99 -1.03 -28.86
N GLN A 81 11.76 -0.82 -28.41
CA GLN A 81 11.28 -1.43 -27.17
C GLN A 81 9.84 -1.96 -27.34
N SER A 82 9.63 -3.17 -26.83
CA SER A 82 8.31 -3.79 -26.71
C SER A 82 8.04 -4.00 -25.21
N ARG A 83 6.77 -3.98 -24.84
CA ARG A 83 6.33 -4.34 -23.49
C ARG A 83 5.06 -5.14 -23.63
N ARG A 84 4.81 -6.04 -22.69
CA ARG A 84 3.52 -6.72 -22.58
C ARG A 84 2.90 -6.43 -21.22
N ALA A 85 1.59 -6.29 -21.16
CA ALA A 85 0.92 -5.96 -19.90
C ALA A 85 -0.46 -6.63 -19.86
N TRP A 86 -0.88 -7.02 -18.65
CA TRP A 86 -2.19 -7.65 -18.46
C TRP A 86 -3.13 -6.74 -17.65
N PHE A 87 -4.42 -6.78 -17.99
CA PHE A 87 -5.44 -5.92 -17.39
C PHE A 87 -6.67 -6.79 -17.03
N SER A 88 -7.63 -6.25 -16.28
CA SER A 88 -8.87 -7.03 -15.97
C SER A 88 -10.00 -6.82 -16.99
N ALA A 89 -10.77 -7.88 -17.24
CA ALA A 89 -11.75 -7.93 -18.33
C ALA A 89 -13.20 -7.77 -17.86
N GLN B 10 27.33 6.24 -17.65
CA GLN B 10 27.80 7.19 -16.59
C GLN B 10 26.86 8.41 -16.49
N LYS B 11 26.81 9.19 -17.56
CA LYS B 11 25.65 10.07 -17.78
C LYS B 11 24.40 9.17 -17.75
N LEU B 12 24.51 8.00 -18.39
CA LEU B 12 23.46 6.99 -18.41
C LEU B 12 23.22 6.36 -17.03
N ASN B 13 24.30 6.04 -16.31
CA ASN B 13 24.22 5.44 -14.98
C ASN B 13 23.48 6.37 -14.03
N LEU B 14 23.84 7.64 -14.05
CA LEU B 14 23.18 8.62 -13.18
C LEU B 14 21.70 8.74 -13.48
N GLN B 16 19.83 6.37 -14.93
CA GLN B 16 19.25 5.10 -14.54
C GLN B 16 19.02 5.03 -13.02
N GLN B 17 20.05 5.39 -12.26
CA GLN B 17 19.94 5.66 -10.82
C GLN B 17 18.75 6.51 -10.44
N THR B 18 18.64 7.64 -11.12
CA THR B 18 17.60 8.63 -10.85
C THR B 18 16.20 8.03 -11.02
N SER B 20 15.49 4.92 -11.08
CA SER B 20 15.32 3.88 -10.06
C SER B 20 14.81 4.40 -8.71
N PHE B 21 15.42 5.49 -8.23
CA PHE B 21 15.06 6.11 -6.96
C PHE B 21 13.62 6.54 -7.03
N LEU B 22 13.29 7.21 -8.13
CA LEU B 22 11.94 7.72 -8.35
C LEU B 22 10.91 6.62 -8.37
N THR B 23 11.20 5.55 -9.10
CA THR B 23 10.24 4.46 -9.22
C THR B 23 10.00 3.77 -7.87
N HIS B 24 11.08 3.43 -7.18
CA HIS B 24 10.96 2.82 -5.85
C HIS B 24 10.22 3.70 -4.87
N ASP B 25 10.36 5.02 -4.94
CA ASP B 25 9.66 5.90 -3.99
C ASP B 25 8.20 6.08 -4.30
N LEU B 26 7.93 6.51 -5.54
CA LEU B 26 6.61 6.90 -5.94
C LEU B 26 5.57 5.76 -5.94
N THR B 27 6.03 4.58 -6.33
CA THR B 27 5.14 3.42 -6.52
C THR B 27 4.74 2.75 -5.20
N GLN B 28 5.28 3.24 -4.08
CA GLN B 28 4.92 2.75 -2.77
C GLN B 28 4.47 3.89 -1.86
N PRO B 31 -1.09 6.81 1.81
CA PRO B 31 -2.06 7.86 2.09
C PRO B 31 -2.02 8.21 3.58
N ARG B 32 -0.87 8.72 4.00
CA ARG B 32 -0.60 8.97 5.40
C ARG B 32 -0.21 10.43 5.62
N PRO B 33 -1.10 11.24 6.26
CA PRO B 33 -0.75 12.61 6.67
C PRO B 33 0.43 12.57 7.66
N VAL B 34 1.15 13.66 7.79
CA VAL B 34 2.36 13.66 8.62
C VAL B 34 2.38 14.87 9.56
N ARG B 35 3.25 14.79 10.56
CA ARG B 35 3.52 15.91 11.41
C ARG B 35 4.91 16.49 10.99
N GLY B 36 4.95 17.81 10.86
CA GLY B 36 6.13 18.52 10.37
C GLY B 36 7.20 18.75 11.42
N ASP B 37 8.15 19.60 11.07
CA ASP B 37 9.39 19.82 11.85
C ASP B 37 9.15 20.22 13.29
N GLN B 38 7.98 20.80 13.57
CA GLN B 38 7.55 21.16 14.92
C GLN B 38 6.30 20.41 15.41
N GLY B 39 5.85 19.41 14.67
CA GLY B 39 4.64 18.67 15.03
C GLY B 39 3.35 19.18 14.39
N GLN B 40 3.44 20.21 13.55
CA GLN B 40 2.26 20.72 12.85
C GLN B 40 1.69 19.70 11.83
N ARG B 41 0.37 19.60 11.77
CA ARG B 41 -0.29 18.76 10.78
C ARG B 41 0.07 19.19 9.35
N GLU B 42 0.43 18.23 8.52
CA GLU B 42 0.76 18.47 7.11
C GLU B 42 0.16 17.36 6.23
N PRO B 43 -0.12 17.66 4.96
CA PRO B 43 -0.74 16.66 4.06
C PRO B 43 0.10 15.42 3.74
N ALA B 44 -0.58 14.34 3.34
CA ALA B 44 0.10 13.12 2.92
C ALA B 44 1.10 13.37 1.78
N LEU B 45 0.64 14.03 0.73
CA LEU B 45 1.49 14.47 -0.39
C LEU B 45 1.47 15.98 -0.42
N LEU B 46 2.64 16.58 -0.19
CA LEU B 46 2.84 18.01 -0.32
C LEU B 46 3.64 18.22 -1.62
N ALA B 47 3.06 18.96 -2.56
CA ALA B 47 3.66 19.14 -3.89
C ALA B 47 3.35 20.50 -4.47
N GLY B 48 4.31 21.09 -5.17
CA GLY B 48 4.05 22.39 -5.76
C GLY B 48 5.27 23.28 -5.73
N ALA B 49 5.08 24.50 -6.23
CA ALA B 49 6.18 25.45 -6.37
C ALA B 49 6.79 25.68 -4.98
N GLY B 50 8.11 25.60 -4.92
CA GLY B 50 8.81 25.91 -3.69
C GLY B 50 8.65 24.89 -2.58
N VAL B 51 8.10 23.70 -2.86
CA VAL B 51 8.00 22.69 -1.78
C VAL B 51 9.45 22.23 -1.46
N LEU B 52 9.79 22.05 -0.17
CA LEU B 52 11.18 21.79 0.29
C LEU B 52 12.21 22.78 -0.21
N ALA B 53 11.84 24.06 -0.27
CA ALA B 53 12.64 25.10 -0.88
C ALA B 53 13.17 24.77 -2.29
N SER B 54 12.40 24.03 -3.08
CA SER B 54 12.79 23.77 -4.46
C SER B 54 12.87 25.10 -5.27
N GLU B 55 13.82 25.20 -6.19
CA GLU B 55 13.91 26.31 -7.15
C GLU B 55 12.84 26.20 -8.24
N SER B 56 12.13 25.10 -8.24
CA SER B 56 11.07 24.83 -9.17
C SER B 56 9.89 24.20 -8.36
N GLU B 57 9.26 23.15 -8.86
CA GLU B 57 8.34 22.41 -8.02
C GLU B 57 9.09 21.39 -7.15
N GLY B 58 8.41 20.99 -6.09
CA GLY B 58 8.98 20.06 -5.11
C GLY B 58 7.88 19.10 -4.71
N ARG B 60 6.92 15.97 -1.42
CA ARG B 60 7.27 15.38 -0.14
C ARG B 60 6.17 14.41 0.19
N PHE B 61 6.53 13.18 0.48
CA PHE B 61 5.51 12.21 0.77
C PHE B 61 6.07 11.07 1.61
N VAL B 62 5.17 10.17 2.03
CA VAL B 62 5.52 8.98 2.80
C VAL B 62 5.47 7.75 1.86
N ARG B 63 6.42 6.82 2.05
CA ARG B 63 6.39 5.58 1.24
C ARG B 63 6.74 4.44 2.16
N GLY B 64 6.26 3.24 1.78
CA GLY B 64 6.54 2.05 2.52
C GLY B 64 7.61 1.23 1.84
N GLY B 65 7.56 -0.08 2.10
CA GLY B 65 8.45 -1.01 1.41
C GLY B 65 9.82 -1.20 2.06
N VAL B 66 10.07 -0.55 3.20
CA VAL B 66 11.25 -0.93 3.96
C VAL B 66 11.06 -2.38 4.43
N VAL B 67 12.02 -3.23 4.11
CA VAL B 67 11.98 -4.62 4.51
C VAL B 67 12.98 -4.77 5.66
N ASN B 68 12.47 -5.17 6.82
CA ASN B 68 13.29 -5.32 8.00
C ASN B 68 12.69 -6.43 8.86
N PRO B 69 12.82 -7.68 8.38
CA PRO B 69 11.96 -8.77 8.85
C PRO B 69 12.20 -9.17 10.31
N LEU B 70 13.35 -8.79 10.86
CA LEU B 70 13.65 -9.05 12.27
C LEU B 70 13.05 -7.96 13.15
N ARG B 72 14.15 -5.17 14.55
CA ARG B 72 15.08 -5.22 15.68
C ARG B 72 15.09 -3.93 16.48
N LEU B 73 15.01 -2.80 15.78
CA LEU B 73 14.90 -1.47 16.40
C LEU B 73 13.44 -1.01 16.38
N PRO B 74 13.05 -0.19 17.36
CA PRO B 74 11.70 0.39 17.34
C PRO B 74 11.45 1.33 16.14
N ARG B 75 11.25 0.73 14.97
CA ARG B 75 11.01 1.49 13.75
C ARG B 75 9.98 0.81 12.84
N SER B 76 9.18 1.64 12.17
CA SER B 76 8.20 1.16 11.20
C SER B 76 8.89 0.94 9.86
N ASN B 77 8.13 0.43 8.89
CA ASN B 77 8.62 0.20 7.54
C ASN B 77 8.33 1.35 6.56
N LEU B 78 8.05 2.53 7.10
CA LEU B 78 7.75 3.71 6.28
C LEU B 78 8.84 4.77 6.41
N LEU B 79 9.04 5.52 5.34
CA LEU B 79 10.01 6.61 5.32
C LEU B 79 9.32 7.82 4.79
N THR B 80 9.91 8.99 5.02
CA THR B 80 9.50 10.22 4.36
C THR B 80 10.59 10.60 3.38
N VAL B 81 10.19 10.95 2.17
CA VAL B 81 11.13 11.30 1.10
C VAL B 81 10.63 12.55 0.40
N GLY B 82 11.54 13.19 -0.33
CA GLY B 82 11.19 14.33 -1.16
C GLY B 82 12.15 14.57 -2.29
N TYR B 83 11.68 15.34 -3.27
CA TYR B 83 12.48 15.70 -4.45
C TYR B 83 12.32 17.20 -4.65
N ARG B 84 13.40 17.83 -5.08
CA ARG B 84 13.39 19.25 -5.37
C ARG B 84 14.47 19.56 -6.41
N ILE B 85 14.43 20.76 -6.99
CA ILE B 85 15.58 21.30 -7.71
C ILE B 85 16.37 22.23 -6.75
N HIS B 86 17.68 22.02 -6.69
CA HIS B 86 18.57 22.78 -5.81
C HIS B 86 19.92 22.87 -6.49
N ASP B 87 20.46 24.08 -6.63
CA ASP B 87 21.78 24.29 -7.25
C ASP B 87 21.93 23.69 -8.66
N GLY B 88 20.84 23.68 -9.43
CA GLY B 88 20.85 23.11 -10.77
C GLY B 88 20.80 21.59 -10.88
N TYR B 89 20.43 20.93 -9.79
CA TYR B 89 20.34 19.46 -9.73
C TYR B 89 18.99 19.05 -9.19
N LEU B 90 18.49 17.94 -9.72
CA LEU B 90 17.48 17.17 -9.06
C LEU B 90 18.14 16.53 -7.82
N GLU B 91 17.49 16.69 -6.69
CA GLU B 91 18.01 16.20 -5.43
C GLU B 91 16.95 15.38 -4.70
N ARG B 92 17.38 14.29 -4.08
CA ARG B 92 16.51 13.46 -3.29
C ARG B 92 16.83 13.60 -1.81
N LEU B 93 15.79 13.91 -1.04
CA LEU B 93 15.90 14.03 0.40
C LEU B 93 15.21 12.84 1.05
N ALA B 94 15.82 12.26 2.06
CA ALA B 94 15.28 11.09 2.72
C ALA B 94 15.43 11.26 4.23
N TRP B 95 14.31 11.13 4.95
CA TRP B 95 14.32 11.05 6.41
C TRP B 95 14.21 9.58 6.77
N PRO B 96 14.88 9.13 7.85
CA PRO B 96 14.92 7.70 8.15
C PRO B 96 13.66 7.13 8.84
N LEU B 97 12.66 7.98 9.02
CA LEU B 97 11.39 7.64 9.64
C LEU B 97 10.37 8.75 9.36
N THR B 98 9.13 8.55 9.81
CA THR B 98 8.06 9.52 9.64
C THR B 98 7.94 10.43 10.89
N ASP B 99 7.28 11.58 10.70
CA ASP B 99 6.96 12.53 11.77
C ASP B 99 8.20 12.92 12.59
N ALA B 100 9.33 13.04 11.91
CA ALA B 100 10.63 13.19 12.55
C ALA B 100 10.72 14.53 13.29
N ALA B 101 11.48 14.57 14.36
CA ALA B 101 11.77 15.85 15.02
C ALA B 101 12.57 16.74 14.05
N GLY B 102 12.43 18.06 14.20
CA GLY B 102 13.27 19.01 13.43
C GLY B 102 14.77 18.82 13.64
N SER B 103 15.19 18.26 14.78
CA SER B 103 16.60 17.89 14.95
C SER B 103 17.04 16.86 13.89
N VAL B 104 16.12 16.03 13.40
CA VAL B 104 16.43 15.01 12.40
C VAL B 104 16.57 15.55 10.97
N LYS B 105 17.79 15.49 10.45
CA LYS B 105 18.14 16.05 9.16
C LYS B 105 18.12 15.00 8.05
N PRO B 106 17.61 15.37 6.87
CA PRO B 106 17.52 14.43 5.77
C PRO B 106 18.85 14.20 5.08
N THR B 107 19.05 13.00 4.56
CA THR B 107 20.15 12.75 3.64
C THR B 107 19.83 13.49 2.36
N GLN B 109 20.84 13.53 -1.75
CA GLN B 109 21.42 12.84 -2.88
C GLN B 109 21.27 13.71 -4.12
N LYS B 110 22.40 14.19 -4.61
CA LYS B 110 22.46 14.96 -5.83
C LYS B 110 22.24 13.96 -6.96
N LEU B 111 21.21 14.15 -7.76
CA LEU B 111 20.92 13.27 -8.88
C LEU B 111 21.29 14.02 -10.17
N ILE B 112 20.53 13.89 -11.24
CA ILE B 112 20.89 14.52 -12.50
C ILE B 112 20.85 16.05 -12.48
N PRO B 113 21.75 16.70 -13.27
CA PRO B 113 21.55 18.11 -13.51
C PRO B 113 20.14 18.29 -14.02
N ALA B 114 19.43 19.29 -13.52
CA ALA B 114 18.05 19.56 -13.93
C ALA B 114 17.67 20.94 -13.42
N ASP B 115 16.81 21.64 -14.17
CA ASP B 115 16.54 23.06 -13.91
C ASP B 115 15.06 23.45 -13.80
N SER B 116 14.15 22.49 -13.99
CA SER B 116 12.74 22.80 -13.81
C SER B 116 11.96 21.50 -13.68
N LEU B 117 11.24 21.38 -12.58
CA LEU B 117 10.50 20.18 -12.29
C LEU B 117 9.07 20.64 -12.26
N ARG B 118 8.24 20.08 -13.13
CA ARG B 118 6.79 20.35 -13.18
C ARG B 118 5.99 19.05 -12.93
N LEU B 119 4.94 19.16 -12.13
CA LEU B 119 4.13 18.01 -11.69
C LEU B 119 2.67 18.13 -12.06
N GLN B 120 2.11 17.04 -12.58
CA GLN B 120 0.65 16.92 -12.67
C GLN B 120 0.20 15.63 -11.93
N PHE B 121 -1.07 15.62 -11.54
CA PHE B 121 -1.65 14.59 -10.67
C PHE B 121 -2.99 14.12 -11.25
N TYR B 122 -3.13 12.80 -11.36
CA TYR B 122 -4.32 12.16 -11.88
C TYR B 122 -5.13 11.66 -10.71
N ASP B 123 -6.37 12.15 -10.61
CA ASP B 123 -7.21 11.88 -9.44
C ASP B 123 -8.10 10.66 -9.58
N GLY B 124 -8.04 9.98 -10.72
CA GLY B 124 -8.88 8.81 -11.00
C GLY B 124 -9.80 9.11 -12.18
N THR B 125 -9.92 10.40 -12.50
CA THR B 125 -10.79 10.87 -13.58
C THR B 125 -10.06 11.80 -14.55
N ARG B 126 -9.32 12.77 -14.02
CA ARG B 126 -8.69 13.84 -14.80
C ARG B 126 -7.28 14.09 -14.28
N TRP B 127 -6.47 14.72 -15.14
CA TRP B 127 -5.18 15.26 -14.74
C TRP B 127 -5.35 16.66 -14.21
N GLN B 128 -4.83 16.91 -13.02
CA GLN B 128 -4.83 18.23 -12.43
C GLN B 128 -3.40 18.73 -12.10
N GLU B 129 -3.25 20.04 -12.14
CA GLU B 129 -1.97 20.68 -11.99
C GLU B 129 -1.49 20.79 -10.55
N SER B 130 -2.42 20.95 -9.61
CA SER B 130 -2.09 21.04 -8.18
C SER B 130 -2.70 19.88 -7.40
N TRP B 131 -2.12 19.60 -6.24
CA TRP B 131 -2.64 18.60 -5.31
C TRP B 131 -2.89 19.29 -3.96
N SER B 132 -4.10 19.14 -3.42
CA SER B 132 -4.44 19.82 -2.19
C SER B 132 -5.13 18.95 -1.12
N SER B 133 -5.33 17.66 -1.36
CA SER B 133 -5.94 16.84 -0.35
C SER B 133 -5.01 16.64 0.84
N VAL B 134 -5.63 16.45 2.00
CA VAL B 134 -4.92 16.25 3.24
C VAL B 134 -4.55 14.78 3.37
N GLN B 135 -5.50 13.90 3.12
CA GLN B 135 -5.32 12.44 3.34
C GLN B 135 -5.09 11.68 2.06
N ALA B 136 -5.78 12.05 0.99
CA ALA B 136 -5.76 11.25 -0.24
C ALA B 136 -4.50 11.49 -1.07
N ILE B 137 -4.08 10.43 -1.78
CA ILE B 137 -2.98 10.54 -2.71
C ILE B 137 -3.46 10.25 -4.12
N PRO B 138 -2.72 10.73 -5.13
CA PRO B 138 -3.15 10.49 -6.50
C PRO B 138 -3.10 9.06 -6.91
N VAL B 139 -3.76 8.77 -8.01
CA VAL B 139 -3.65 7.51 -8.71
C VAL B 139 -2.37 7.47 -9.57
N ALA B 140 -2.01 8.62 -10.17
CA ALA B 140 -0.80 8.70 -11.01
C ALA B 140 -0.16 10.07 -10.88
N VAL B 141 1.13 10.14 -11.19
CA VAL B 141 1.85 11.41 -11.23
C VAL B 141 2.59 11.49 -12.57
N ARG B 142 2.52 12.68 -13.18
CA ARG B 142 3.29 13.02 -14.36
C ARG B 142 4.38 14.01 -13.93
N THR B 144 7.65 16.24 -15.34
CA THR B 144 8.41 16.79 -16.42
C THR B 144 9.61 17.54 -15.83
N LEU B 145 10.76 17.30 -16.39
CA LEU B 145 11.88 18.14 -16.07
C LEU B 145 12.75 18.38 -17.27
N HIS B 146 13.48 19.49 -17.23
CA HIS B 146 14.44 19.82 -18.27
C HIS B 146 15.86 19.52 -17.76
N SER B 147 16.56 18.66 -18.51
CA SER B 147 17.94 18.26 -18.21
C SER B 147 18.87 18.80 -19.26
N PRO B 148 19.98 19.44 -18.83
CA PRO B 148 20.96 19.91 -19.82
C PRO B 148 21.61 18.77 -20.59
N GLN B 149 21.77 17.60 -19.96
CA GLN B 149 22.32 16.43 -20.65
C GLN B 149 21.42 15.76 -21.70
N TRP B 150 20.11 15.79 -21.48
CA TRP B 150 19.12 15.04 -22.26
C TRP B 150 18.01 15.90 -22.93
N GLY B 151 17.70 17.07 -22.36
CA GLY B 151 16.59 17.87 -22.82
C GLY B 151 15.39 17.60 -21.91
N GLU B 152 14.20 17.68 -22.50
CA GLU B 152 12.96 17.58 -21.75
C GLU B 152 12.56 16.11 -21.65
N ILE B 153 12.37 15.67 -20.42
CA ILE B 153 11.99 14.33 -20.07
C ILE B 153 10.65 14.37 -19.31
N GLU B 154 9.71 13.56 -19.80
CA GLU B 154 8.42 13.36 -19.14
C GLU B 154 8.33 11.88 -18.73
N ARG B 155 7.86 11.67 -17.49
CA ARG B 155 7.58 10.33 -16.96
C ARG B 155 6.24 10.29 -16.18
N ILE B 156 5.46 9.25 -16.47
CA ILE B 156 4.23 8.93 -15.78
C ILE B 156 4.43 7.70 -14.87
N TRP B 157 4.04 7.84 -13.62
CA TRP B 157 4.08 6.72 -12.70
C TRP B 157 2.70 6.48 -12.12
N LEU B 158 2.30 5.23 -12.05
CA LEU B 158 1.13 4.83 -11.23
C LEU B 158 1.55 4.75 -9.79
N LEU B 159 0.76 5.28 -8.87
CA LEU B 159 1.19 5.30 -7.47
C LEU B 159 0.73 4.08 -6.66
N ARG B 160 -0.27 3.37 -7.16
CA ARG B 160 -0.94 2.30 -6.40
C ARG B 160 -1.76 1.41 -7.32
N GLY B 161 -1.16 1.03 -8.43
CA GLY B 161 -1.73 0.07 -9.34
C GLY B 161 -3.05 0.46 -9.98
N PRO B 162 -3.76 -0.52 -10.52
CA PRO B 162 -5.04 -0.28 -11.18
C PRO B 162 -6.16 0.00 -10.19
N GLN B 163 -7.15 0.77 -10.66
CA GLN B 163 -8.29 1.17 -9.85
C GLN B 163 -9.60 0.56 -10.37
N GLY C 11 24.34 -3.38 -18.99
CA GLY C 11 23.75 -4.42 -18.10
C GLY C 11 22.62 -3.90 -17.23
N ARG C 12 22.75 -2.66 -16.75
CA ARG C 12 21.76 -2.06 -15.85
C ARG C 12 20.47 -1.65 -16.59
N THR C 13 20.58 -1.44 -17.90
CA THR C 13 19.42 -1.11 -18.75
C THR C 13 18.42 -2.27 -18.78
N ARG C 14 18.96 -3.47 -18.96
CA ARG C 14 18.18 -4.72 -18.97
C ARG C 14 17.45 -4.94 -17.64
N SER C 15 18.19 -4.89 -16.53
CA SER C 15 17.62 -5.11 -15.19
C SER C 15 16.52 -4.11 -14.86
N GLN C 16 16.83 -2.84 -15.09
CA GLN C 16 15.89 -1.74 -14.81
C GLN C 16 14.62 -1.89 -15.64
N GLN C 17 14.76 -2.21 -16.92
CA GLN C 17 13.62 -2.61 -17.78
C GLN C 17 12.85 -3.79 -17.18
N GLU C 18 13.59 -4.80 -16.72
CA GLU C 18 13.01 -6.03 -16.15
C GLU C 18 12.30 -5.78 -14.81
N TYR C 19 12.91 -5.00 -13.93
CA TYR C 19 12.24 -4.61 -12.66
C TYR C 19 11.01 -3.75 -12.96
N GLN C 20 11.15 -2.76 -13.83
CA GLN C 20 9.98 -2.04 -14.33
C GLN C 20 8.93 -3.06 -14.78
N GLN C 21 9.37 -4.06 -15.53
CA GLN C 21 8.48 -5.10 -16.02
C GLN C 21 7.97 -5.96 -14.84
N ALA C 22 8.77 -6.11 -13.79
CA ALA C 22 8.33 -6.75 -12.53
C ALA C 22 7.24 -5.96 -11.79
N LEU C 23 7.30 -4.63 -11.85
CA LEU C 23 6.21 -3.81 -11.31
C LEU C 23 4.96 -3.90 -12.20
N TRP C 24 5.14 -4.07 -13.51
CA TRP C 24 3.99 -4.09 -14.40
C TRP C 24 3.24 -5.39 -14.27
N TYR C 25 3.99 -6.46 -14.01
CA TYR C 25 3.39 -7.73 -13.69
C TYR C 25 2.67 -7.67 -12.34
N SER C 26 3.14 -6.80 -11.44
CA SER C 26 2.46 -6.60 -10.18
C SER C 26 1.16 -5.87 -10.43
N ALA C 27 1.18 -4.90 -11.35
CA ALA C 27 -0.03 -4.23 -11.79
C ALA C 27 -0.95 -5.23 -12.51
N SER C 28 -0.38 -6.18 -13.25
CA SER C 28 -1.13 -7.32 -13.82
C SER C 28 -1.74 -8.24 -12.75
N ALA C 29 -0.92 -8.66 -11.80
CA ALA C 29 -1.38 -9.39 -10.62
C ALA C 29 -2.57 -8.72 -9.94
N GLU C 30 -2.46 -7.41 -9.68
CA GLU C 30 -3.52 -6.65 -9.03
C GLU C 30 -4.78 -6.61 -9.92
N SER C 31 -4.58 -6.42 -11.23
CA SER C 31 -5.70 -6.37 -12.16
C SER C 31 -6.53 -7.66 -12.12
N LEU C 32 -5.86 -8.79 -12.01
CA LEU C 32 -6.50 -10.09 -11.88
C LEU C 32 -7.28 -10.23 -10.56
N ALA C 33 -6.64 -9.88 -9.45
CA ALA C 33 -7.29 -9.83 -8.14
C ALA C 33 -8.60 -9.06 -8.14
N LEU C 34 -8.57 -7.83 -8.65
CA LEU C 34 -9.77 -7.00 -8.74
C LEU C 34 -10.84 -7.69 -9.60
N SER C 35 -10.38 -8.41 -10.62
CA SER C 35 -11.25 -9.17 -11.51
C SER C 35 -11.95 -10.29 -10.75
N ALA C 36 -11.16 -11.11 -10.08
CA ALA C 36 -11.65 -12.24 -9.32
C ALA C 36 -12.62 -11.79 -8.23
N LEU C 37 -12.29 -10.71 -7.53
CA LEU C 37 -13.14 -10.21 -6.51
C LEU C 37 -14.48 -9.75 -7.05
N SER C 38 -14.48 -9.02 -8.16
CA SER C 38 -15.73 -8.50 -8.71
C SER C 38 -16.64 -9.66 -9.10
N LEU C 39 -16.05 -10.64 -9.78
CA LEU C 39 -16.76 -11.76 -10.31
C LEU C 39 -17.35 -12.68 -9.24
N SER C 40 -16.56 -12.99 -8.21
CA SER C 40 -17.07 -13.89 -7.17
C SER C 40 -18.02 -13.18 -6.19
N LEU C 41 -17.91 -11.86 -6.01
CA LEU C 41 -18.76 -11.14 -5.05
C LEU C 41 -19.91 -10.30 -5.65
N LYS C 42 -20.11 -10.36 -6.97
CA LYS C 42 -21.07 -9.43 -7.62
C LYS C 42 -22.48 -9.48 -7.05
N ASN C 43 -23.03 -10.68 -6.85
CA ASN C 43 -24.42 -10.84 -6.39
C ASN C 43 -24.49 -11.36 -4.95
N GLU C 44 -23.37 -11.25 -4.23
CA GLU C 44 -23.20 -11.84 -2.92
C GLU C 44 -23.32 -10.74 -1.85
N LYS C 45 -24.03 -11.04 -0.78
CA LYS C 45 -24.22 -10.08 0.32
C LYS C 45 -23.24 -10.30 1.51
N ARG C 46 -22.51 -11.41 1.49
CA ARG C 46 -21.56 -11.76 2.56
C ARG C 46 -20.15 -12.06 2.00
N VAL C 47 -19.20 -12.26 2.91
CA VAL C 47 -17.82 -12.65 2.57
C VAL C 47 -17.44 -13.87 3.39
N HIS C 48 -17.28 -15.01 2.71
CA HIS C 48 -16.96 -16.27 3.37
C HIS C 48 -15.96 -17.12 2.54
N LEU C 49 -15.42 -18.14 3.16
CA LEU C 49 -14.25 -18.85 2.64
C LEU C 49 -14.55 -19.90 1.56
N GLU C 50 -15.83 -20.17 1.28
CA GLU C 50 -16.21 -21.03 0.15
C GLU C 50 -16.45 -20.22 -1.13
N GLN C 51 -16.23 -18.92 -1.09
CA GLN C 51 -16.30 -18.09 -2.30
C GLN C 51 -15.00 -18.24 -3.12
N PRO C 52 -15.10 -18.21 -4.46
CA PRO C 52 -13.96 -18.32 -5.40
C PRO C 52 -12.69 -17.49 -5.13
N TRP C 53 -12.82 -16.25 -4.63
CA TRP C 53 -11.66 -15.42 -4.29
C TRP C 53 -10.70 -16.10 -3.30
N ALA C 54 -11.24 -16.97 -2.45
CA ALA C 54 -10.50 -17.60 -1.35
C ALA C 54 -9.78 -18.91 -1.73
N SER C 55 -9.78 -19.28 -3.01
CA SER C 55 -9.04 -20.45 -3.52
C SER C 55 -7.71 -19.96 -4.09
N GLY C 56 -6.62 -20.57 -3.64
CA GLY C 56 -5.30 -20.05 -4.03
C GLY C 56 -4.16 -21.00 -3.69
N PRO C 57 -2.95 -20.62 -4.06
CA PRO C 57 -2.65 -19.48 -4.90
C PRO C 57 -2.93 -19.81 -6.37
N ARG C 58 -3.00 -18.78 -7.19
CA ARG C 58 -3.06 -18.96 -8.63
C ARG C 58 -1.71 -18.61 -9.23
N PHE C 59 -1.32 -19.33 -10.26
CA PHE C 59 -0.05 -19.12 -10.95
C PHE C 59 -0.31 -18.83 -12.42
N PHE C 60 0.41 -17.84 -12.94
CA PHE C 60 0.40 -17.49 -14.37
C PHE C 60 1.82 -17.28 -14.92
N PRO C 61 2.12 -17.89 -16.07
CA PRO C 61 3.41 -17.73 -16.67
C PRO C 61 3.57 -16.33 -17.25
N LEU C 62 4.78 -15.80 -17.18
CA LEU C 62 5.14 -14.60 -17.93
C LEU C 62 6.44 -14.86 -18.68
N PRO C 63 6.72 -14.08 -19.74
CA PRO C 63 8.05 -14.23 -20.36
C PRO C 63 9.16 -14.04 -19.32
N GLN C 64 10.04 -15.03 -19.24
CA GLN C 64 11.15 -15.03 -18.29
C GLN C 64 10.75 -15.03 -16.82
N GLY C 65 9.52 -15.45 -16.51
CA GLY C 65 9.08 -15.53 -15.13
C GLY C 65 7.67 -16.03 -14.87
N GLN C 66 7.13 -15.64 -13.71
CA GLN C 66 5.78 -16.02 -13.32
C GLN C 66 5.25 -15.11 -12.22
N ILE C 67 3.93 -15.10 -12.06
CA ILE C 67 3.31 -14.49 -10.89
C ILE C 67 2.54 -15.55 -10.07
N ALA C 68 2.57 -15.40 -8.75
CA ALA C 68 1.73 -16.19 -7.83
C ALA C 68 0.93 -15.17 -7.05
N VAL C 69 -0.38 -15.38 -6.97
CA VAL C 69 -1.29 -14.49 -6.26
C VAL C 69 -2.19 -15.25 -5.28
N THR C 70 -2.34 -14.65 -4.10
CA THR C 70 -3.23 -15.13 -3.05
C THR C 70 -3.97 -13.96 -2.44
N LEU C 71 -5.28 -14.08 -2.33
CA LEU C 71 -6.15 -13.08 -1.71
C LEU C 71 -6.55 -13.55 -0.32
N ARG C 72 -6.57 -12.62 0.64
CA ARG C 72 -7.12 -12.85 1.99
C ARG C 72 -8.02 -11.71 2.41
N ASP C 73 -8.94 -12.02 3.32
CA ASP C 73 -9.84 -11.03 3.89
C ASP C 73 -9.04 -10.20 4.89
N ALA C 74 -8.90 -8.93 4.60
CA ALA C 74 -8.19 -7.99 5.47
C ALA C 74 -8.96 -7.76 6.79
N GLN C 75 -10.26 -8.05 6.79
CA GLN C 75 -11.05 -7.88 8.00
C GLN C 75 -11.07 -9.12 8.90
N ALA C 76 -10.28 -10.15 8.52
CA ALA C 76 -10.05 -11.32 9.39
C ALA C 76 -8.91 -11.06 10.38
N CYS C 77 -9.06 -10.01 11.20
CA CYS C 77 -8.06 -9.64 12.21
C CYS C 77 -8.60 -8.52 13.12
N PHE C 78 -7.87 -8.24 14.20
CA PHE C 78 -8.32 -7.16 15.09
C PHE C 78 -7.78 -5.83 14.57
N ASN C 79 -8.68 -4.96 14.14
CA ASN C 79 -8.29 -3.63 13.65
C ASN C 79 -7.93 -2.69 14.78
N LEU C 80 -6.65 -2.35 14.86
CA LEU C 80 -6.11 -1.43 15.89
C LEU C 80 -6.64 -0.02 15.76
N ASN C 81 -7.04 0.36 14.56
CA ASN C 81 -7.62 1.68 14.33
C ASN C 81 -9.03 1.85 14.90
N ALA C 82 -9.57 0.78 15.50
CA ALA C 82 -10.75 0.91 16.34
C ALA C 82 -10.45 1.84 17.52
N LEU C 83 -9.16 1.98 17.86
CA LEU C 83 -8.72 2.88 18.92
C LEU C 83 -8.82 4.35 18.54
N ALA C 84 -8.99 4.62 17.23
CA ALA C 84 -9.22 5.99 16.76
C ALA C 84 -10.69 6.42 16.96
N GLN C 85 -11.56 5.47 17.27
CA GLN C 85 -12.99 5.76 17.39
C GLN C 85 -13.29 6.78 18.50
N PRO C 86 -14.09 7.82 18.19
CA PRO C 86 -14.48 8.77 19.23
C PRO C 86 -15.19 8.08 20.39
N THR C 87 -14.64 8.22 21.58
CA THR C 87 -15.14 7.55 22.76
C THR C 87 -15.21 8.57 23.88
N THR C 88 -15.87 8.21 24.97
CA THR C 88 -15.92 9.08 26.13
C THR C 88 -15.97 8.27 27.44
N ALA C 89 -15.30 7.11 27.43
CA ALA C 89 -15.17 6.26 28.62
C ALA C 89 -13.68 6.10 28.97
N SER C 90 -13.39 6.01 30.26
CA SER C 90 -12.02 5.92 30.79
C SER C 90 -11.19 4.83 30.13
N ARG C 91 -11.83 3.73 29.75
CA ARG C 91 -11.20 2.66 28.95
C ARG C 91 -12.21 2.06 27.94
N PRO C 92 -12.18 2.53 26.67
CA PRO C 92 -13.07 1.95 25.66
C PRO C 92 -12.91 0.44 25.43
N LEU C 93 -13.81 -0.13 24.64
CA LEU C 93 -13.89 -1.58 24.46
C LEU C 93 -12.69 -2.13 23.74
N ALA C 94 -12.27 -1.42 22.68
CA ALA C 94 -11.11 -1.82 21.88
C ALA C 94 -9.85 -1.94 22.73
N VAL C 95 -9.73 -1.06 23.73
CA VAL C 95 -8.60 -1.11 24.67
C VAL C 95 -8.68 -2.33 25.59
N GLN C 96 -9.87 -2.59 26.15
CA GLN C 96 -10.13 -3.78 26.95
C GLN C 96 -9.76 -5.04 26.16
N GLN C 97 -10.25 -5.12 24.93
CA GLN C 97 -10.08 -6.32 24.13
C GLN C 97 -8.64 -6.55 23.73
N LEU C 98 -7.92 -5.46 23.46
CA LEU C 98 -6.50 -5.58 23.11
C LEU C 98 -5.64 -6.01 24.29
N ILE C 99 -5.99 -5.56 25.49
CA ILE C 99 -5.29 -6.01 26.71
C ILE C 99 -5.52 -7.50 26.91
N ALA C 100 -6.75 -7.94 26.72
CA ALA C 100 -7.10 -9.35 26.80
C ALA C 100 -6.36 -10.15 25.73
N LEU C 101 -6.33 -9.64 24.50
CA LEU C 101 -5.57 -10.29 23.43
C LEU C 101 -4.07 -10.40 23.78
N ILE C 102 -3.46 -9.28 24.17
CA ILE C 102 -2.01 -9.28 24.40
C ILE C 102 -1.63 -10.20 25.59
N SER C 103 -2.45 -10.21 26.63
CA SER C 103 -2.24 -11.07 27.79
C SER C 103 -2.04 -12.52 27.37
N ARG C 104 -2.78 -12.93 26.35
CA ARG C 104 -2.83 -14.32 25.91
C ARG C 104 -1.60 -14.71 25.05
N LEU C 105 -0.66 -13.79 24.86
CA LEU C 105 0.58 -14.07 24.12
C LEU C 105 1.79 -14.16 25.05
N ASP C 106 1.56 -14.63 26.28
CA ASP C 106 2.61 -14.80 27.31
C ASP C 106 3.17 -13.46 27.80
N VAL C 107 2.32 -12.43 27.84
CA VAL C 107 2.71 -11.09 28.31
C VAL C 107 2.02 -10.80 29.65
N PRO C 108 2.77 -10.37 30.69
CA PRO C 108 2.16 -10.06 31.99
C PRO C 108 1.17 -8.91 31.95
N ALA C 109 0.09 -9.03 32.73
CA ALA C 109 -0.97 -8.02 32.83
C ALA C 109 -0.51 -6.57 32.70
N TYR C 110 0.58 -6.22 33.36
CA TYR C 110 1.13 -4.86 33.33
C TYR C 110 1.52 -4.47 31.91
N ARG C 111 2.46 -5.22 31.34
CA ARG C 111 3.00 -4.92 30.01
C ARG C 111 1.90 -4.88 28.96
N ALA C 112 0.95 -5.81 29.02
CA ALA C 112 -0.19 -5.79 28.09
C ALA C 112 -0.98 -4.47 28.18
N GLU C 113 -1.10 -3.94 29.39
CA GLU C 113 -1.79 -2.66 29.62
C GLU C 113 -0.98 -1.51 29.05
N LEU C 114 0.33 -1.48 29.35
CA LEU C 114 1.23 -0.44 28.86
C LEU C 114 1.14 -0.27 27.35
N ILE C 115 1.21 -1.38 26.64
CA ILE C 115 1.22 -1.37 25.19
C ILE C 115 -0.11 -0.87 24.64
N ALA C 116 -1.20 -1.41 25.17
CA ALA C 116 -2.54 -1.06 24.69
C ALA C 116 -2.84 0.42 24.94
N GLU C 117 -2.51 0.87 26.14
CA GLU C 117 -2.70 2.27 26.50
C GLU C 117 -1.79 3.16 25.67
N SER C 118 -0.53 2.73 25.47
CA SER C 118 0.40 3.47 24.61
C SER C 118 -0.13 3.58 23.19
N LEU C 119 -0.66 2.48 22.67
CA LEU C 119 -1.31 2.49 21.36
C LEU C 119 -2.48 3.47 21.32
N TRP C 120 -3.31 3.44 22.35
CA TRP C 120 -4.44 4.36 22.40
C TRP C 120 -3.96 5.81 22.23
N GLU C 121 -2.92 6.18 22.98
CA GLU C 121 -2.43 7.54 23.00
C GLU C 121 -1.73 7.87 21.69
N PHE C 122 -1.08 6.89 21.12
CA PHE C 122 -0.36 7.11 19.83
C PHE C 122 -1.35 7.39 18.70
N ILE C 123 -2.51 6.73 18.75
CA ILE C 123 -3.55 6.83 17.69
C ILE C 123 -4.56 7.95 17.95
N ASP C 124 -4.90 8.21 19.23
CA ASP C 124 -5.87 9.27 19.53
C ASP C 124 -5.33 10.65 19.13
N GLU C 125 -6.23 11.50 18.61
CA GLU C 125 -5.82 12.73 17.95
C GLU C 125 -5.32 13.81 18.88
N ASP C 126 -5.69 13.74 20.16
CA ASP C 126 -5.24 14.74 21.12
C ASP C 126 -3.79 14.47 21.44
N ARG C 127 -3.13 15.48 22.03
CA ARG C 127 -1.73 15.40 22.46
C ARG C 127 -1.65 15.21 23.99
N SER C 128 -2.80 15.05 24.65
CA SER C 128 -2.84 14.85 26.10
C SER C 128 -3.00 13.39 26.49
N VAL C 129 -2.35 13.06 27.61
CA VAL C 129 -2.43 11.76 28.26
C VAL C 129 -3.74 11.61 29.03
N GLN C 130 -4.35 10.43 28.93
CA GLN C 130 -5.54 10.08 29.72
C GLN C 130 -5.50 8.64 30.25
N THR C 131 -4.32 8.01 30.21
CA THR C 131 -4.13 6.64 30.71
C THR C 131 -3.05 6.61 31.79
N ARG C 132 -3.15 5.62 32.69
CA ARG C 132 -2.15 5.40 33.72
C ARG C 132 -0.74 5.23 33.13
N LEU C 133 -0.60 4.41 32.09
CA LEU C 133 0.73 4.06 31.58
C LEU C 133 1.09 4.65 30.20
N GLY C 134 0.13 5.24 29.50
CA GLY C 134 0.36 5.71 28.12
C GLY C 134 0.99 7.08 28.09
N ARG C 135 1.77 7.35 27.04
CA ARG C 135 2.47 8.63 26.89
C ARG C 135 2.34 9.21 25.48
N GLU C 136 2.32 10.54 25.41
CA GLU C 136 2.23 11.26 24.15
C GLU C 136 3.63 11.68 23.63
N ASP C 137 3.81 12.90 23.13
CA ASP C 137 5.02 13.25 22.34
C ASP C 137 6.36 13.03 23.08
N SER C 138 6.37 13.19 24.41
CA SER C 138 7.61 13.11 25.18
C SER C 138 8.27 11.75 25.03
N GLU C 139 7.48 10.68 25.12
CA GLU C 139 8.02 9.35 24.89
C GLU C 139 8.86 9.31 23.59
N TYR C 140 8.29 9.86 22.53
CA TYR C 140 8.80 9.67 21.17
C TYR C 140 9.88 10.69 20.76
N LEU C 141 9.82 11.89 21.31
CA LEU C 141 10.91 12.85 21.16
C LEU C 141 12.17 12.39 21.96
N ALA C 142 11.97 11.53 22.96
CA ALA C 142 13.09 11.03 23.80
C ALA C 142 13.95 9.94 23.12
N ARG C 143 13.53 9.48 21.96
CA ARG C 143 14.13 8.30 21.33
C ARG C 143 15.45 8.61 20.62
N SER C 144 16.20 7.57 20.28
CA SER C 144 17.50 7.73 19.62
C SER C 144 17.37 8.62 18.38
N VAL C 145 16.41 8.29 17.53
CA VAL C 145 16.00 9.16 16.44
C VAL C 145 14.61 9.69 16.87
N PRO C 146 14.56 10.94 17.32
CA PRO C 146 13.33 11.52 17.88
C PRO C 146 12.26 11.81 16.84
N PHE C 147 11.00 11.66 17.22
CA PHE C 147 9.86 11.88 16.32
C PHE C 147 8.60 12.15 17.14
N TYR C 148 7.52 12.53 16.48
CA TYR C 148 6.25 12.82 17.17
C TYR C 148 5.28 11.63 17.10
N ALA C 149 4.33 11.60 18.02
CA ALA C 149 3.29 10.58 18.04
C ALA C 149 2.35 10.82 16.88
N ALA C 150 2.00 9.76 16.13
CA ALA C 150 1.17 9.90 14.94
C ALA C 150 -0.09 10.74 15.19
N ASN C 151 -0.77 10.47 16.32
CA ASN C 151 -2.04 11.11 16.64
C ASN C 151 -3.05 11.02 15.50
N GLN C 152 -3.14 9.84 14.92
CA GLN C 152 -4.07 9.51 13.83
C GLN C 152 -4.06 7.98 13.65
N PRO C 153 -5.05 7.45 12.94
CA PRO C 153 -5.05 6.04 12.61
C PRO C 153 -3.72 5.57 12.00
N LEU C 154 -3.27 4.37 12.37
CA LEU C 154 -2.06 3.83 11.77
C LEU C 154 -2.25 3.56 10.30
N ALA C 155 -1.26 3.92 9.50
CA ALA C 155 -1.27 3.68 8.06
C ALA C 155 -0.85 2.26 7.72
N ASP C 156 -0.12 1.63 8.62
CA ASP C 156 0.49 0.34 8.38
C ASP C 156 0.72 -0.29 9.72
N ILE C 157 0.57 -1.61 9.77
CA ILE C 157 0.69 -2.37 10.99
C ILE C 157 2.09 -2.20 11.61
N SER C 158 3.12 -2.01 10.78
CA SER C 158 4.49 -1.71 11.24
C SER C 158 4.63 -0.50 12.16
N GLU C 159 3.71 0.45 12.07
CA GLU C 159 3.78 1.64 12.95
C GLU C 159 3.63 1.26 14.42
N MET C 160 2.99 0.11 14.69
CA MET C 160 2.83 -0.39 16.06
C MET C 160 4.15 -0.83 16.72
N ARG C 161 5.15 -1.17 15.90
CA ARG C 161 6.44 -1.63 16.41
C ARG C 161 7.07 -0.61 17.39
N VAL C 162 6.76 0.66 17.20
CA VAL C 162 7.39 1.78 17.92
C VAL C 162 6.72 2.12 19.26
N VAL C 163 5.58 1.52 19.59
CA VAL C 163 4.87 1.91 20.83
C VAL C 163 5.60 1.44 22.08
N GLN C 164 5.24 2.04 23.21
CA GLN C 164 5.82 1.64 24.50
C GLN C 164 5.61 0.14 24.73
N GLY C 165 6.58 -0.51 25.37
CA GLY C 165 6.47 -1.92 25.73
C GLY C 165 6.36 -2.92 24.60
N MET C 166 6.90 -2.59 23.43
CA MET C 166 6.88 -3.49 22.28
C MET C 166 8.29 -3.98 21.96
N ASP C 167 8.41 -5.21 21.48
CA ASP C 167 9.69 -5.70 20.98
C ASP C 167 9.45 -6.52 19.70
N ALA C 168 10.53 -7.05 19.13
CA ALA C 168 10.46 -7.91 17.94
C ALA C 168 9.66 -9.20 18.16
N GLY C 169 9.94 -9.90 19.25
CA GLY C 169 9.25 -11.16 19.56
C GLY C 169 7.73 -11.03 19.63
N LEU C 170 7.28 -10.03 20.39
CA LEU C 170 5.85 -9.75 20.58
C LEU C 170 5.26 -9.20 19.29
N TYR C 171 5.97 -8.28 18.64
CA TYR C 171 5.54 -7.75 17.34
C TYR C 171 5.19 -8.87 16.39
N GLN C 172 6.08 -9.86 16.29
CA GLN C 172 5.87 -10.99 15.39
C GLN C 172 4.77 -11.95 15.87
N LYS C 173 4.58 -12.05 17.19
CA LYS C 173 3.44 -12.78 17.73
C LYS C 173 2.15 -12.03 17.42
N LEU C 174 2.18 -10.72 17.59
CA LEU C 174 0.96 -9.92 17.43
C LEU C 174 0.53 -9.81 15.96
N LYS C 175 1.50 -9.82 15.05
CA LYS C 175 1.29 -9.50 13.62
C LYS C 175 0.18 -10.30 12.92
N PRO C 176 0.14 -11.62 13.11
CA PRO C 176 -0.92 -12.43 12.45
C PRO C 176 -2.37 -12.18 12.93
N LEU C 177 -2.54 -11.33 13.95
CA LEU C 177 -3.81 -11.20 14.69
C LEU C 177 -4.41 -9.81 14.64
N VAL C 178 -3.58 -8.81 14.37
CA VAL C 178 -3.99 -7.40 14.37
C VAL C 178 -3.59 -6.75 13.06
N CYS C 179 -4.33 -5.71 12.69
CA CYS C 179 -4.10 -4.97 11.45
C CYS C 179 -4.41 -3.49 11.63
N ALA C 180 -4.07 -2.72 10.60
CA ALA C 180 -4.35 -1.31 10.53
C ALA C 180 -5.17 -1.02 9.27
N LEU C 181 -6.50 -1.03 9.42
CA LEU C 181 -7.41 -0.70 8.32
C LEU C 181 -7.82 0.78 8.35
N PRO C 182 -8.18 1.35 7.18
CA PRO C 182 -8.63 2.74 7.16
C PRO C 182 -10.08 2.96 7.63
N MET C 183 -10.45 2.32 8.72
CA MET C 183 -11.75 2.49 9.34
C MET C 183 -11.52 2.47 10.85
N THR C 184 -12.34 3.23 11.57
CA THR C 184 -12.28 3.27 13.02
C THR C 184 -13.24 2.26 13.64
N ARG C 185 -14.02 1.58 12.82
CA ARG C 185 -14.86 0.48 13.32
C ARG C 185 -14.04 -0.78 13.54
N GLN C 186 -14.51 -1.57 14.48
CA GLN C 186 -14.17 -2.97 14.58
C GLN C 186 -15.25 -3.77 13.88
N GLN C 187 -14.90 -4.34 12.73
CA GLN C 187 -15.81 -5.20 11.97
C GLN C 187 -15.05 -6.45 11.59
N ILE C 188 -14.96 -7.39 12.53
CA ILE C 188 -14.19 -8.61 12.33
C ILE C 188 -15.06 -9.63 11.63
N ASN C 189 -14.64 -10.06 10.44
CA ASN C 189 -15.41 -11.02 9.68
C ASN C 189 -15.20 -12.43 10.21
N ILE C 190 -16.09 -12.84 11.11
CA ILE C 190 -16.09 -14.18 11.70
C ILE C 190 -16.02 -15.33 10.67
N ASN C 191 -16.51 -15.11 9.45
CA ASN C 191 -16.49 -16.17 8.44
C ASN C 191 -15.11 -16.45 7.86
N THR C 192 -14.21 -15.47 7.96
CA THR C 192 -12.88 -15.61 7.36
C THR C 192 -11.73 -15.73 8.36
N LEU C 193 -11.99 -15.52 9.66
CA LEU C 193 -10.95 -15.77 10.68
C LEU C 193 -10.38 -17.17 10.54
N ASP C 194 -9.06 -17.32 10.49
CA ASP C 194 -8.45 -18.66 10.45
C ASP C 194 -8.53 -19.28 11.83
N VAL C 195 -8.57 -20.61 11.89
CA VAL C 195 -8.60 -21.31 13.18
C VAL C 195 -7.38 -20.92 14.02
N THR C 196 -6.26 -20.66 13.36
CA THR C 196 -5.03 -20.23 14.03
C THR C 196 -5.13 -18.86 14.70
N GLN C 197 -6.08 -18.03 14.26
CA GLN C 197 -6.33 -16.72 14.86
C GLN C 197 -7.34 -16.77 16.02
N SER C 198 -7.53 -17.95 16.61
CA SER C 198 -8.58 -18.18 17.58
C SER C 198 -8.38 -17.46 18.93
N VAL C 199 -7.17 -16.97 19.22
CA VAL C 199 -6.93 -16.19 20.43
C VAL C 199 -7.70 -14.85 20.39
N ILE C 200 -7.94 -14.34 19.19
CA ILE C 200 -8.79 -13.16 19.01
C ILE C 200 -10.15 -13.38 19.70
N LEU C 201 -10.88 -14.43 19.32
CA LEU C 201 -12.11 -14.83 20.01
C LEU C 201 -11.93 -14.98 21.54
N GLU C 202 -10.85 -15.60 21.98
CA GLU C 202 -10.56 -15.65 23.44
C GLU C 202 -10.54 -14.25 24.03
N ALA C 203 -9.90 -13.32 23.32
CA ALA C 203 -9.87 -11.93 23.78
C ALA C 203 -11.28 -11.36 23.82
N LEU C 204 -12.05 -11.59 22.77
CA LEU C 204 -13.34 -10.92 22.60
C LEU C 204 -14.42 -11.53 23.50
N PHE C 205 -14.12 -12.70 24.07
CA PHE C 205 -15.02 -13.37 24.99
C PHE C 205 -14.48 -13.34 26.44
N ASP C 206 -13.70 -12.30 26.75
CA ASP C 206 -13.22 -12.01 28.12
C ASP C 206 -11.99 -12.82 28.52
N ALA C 214 -10.74 -21.67 22.47
CA ALA C 214 -11.76 -22.24 21.58
C ALA C 214 -11.52 -21.97 20.09
N ARG C 215 -10.69 -22.83 19.52
CA ARG C 215 -10.73 -23.12 18.09
C ARG C 215 -12.04 -23.83 17.72
N ALA C 216 -12.69 -24.45 18.71
CA ALA C 216 -13.94 -25.18 18.50
C ALA C 216 -14.99 -24.42 17.70
N LEU C 217 -15.18 -23.13 18.00
CA LEU C 217 -16.13 -22.31 17.27
C LEU C 217 -15.81 -22.25 15.78
N LEU C 218 -14.57 -21.94 15.46
CA LEU C 218 -14.15 -21.78 14.06
C LEU C 218 -13.96 -23.13 13.38
N GLN C 219 -13.41 -24.10 14.09
CA GLN C 219 -13.30 -25.47 13.57
C GLN C 219 -14.65 -25.99 13.08
N GLN C 220 -15.70 -25.71 13.85
CA GLN C 220 -17.06 -26.13 13.52
C GLN C 220 -17.88 -25.09 12.73
N ARG C 221 -17.24 -24.05 12.21
CA ARG C 221 -17.93 -23.06 11.37
C ARG C 221 -18.51 -23.76 10.14
N PRO C 222 -19.76 -23.41 9.77
CA PRO C 222 -20.36 -23.98 8.56
C PRO C 222 -19.47 -23.84 7.33
N ALA C 223 -19.65 -24.73 6.36
CA ALA C 223 -18.89 -24.69 5.11
C ALA C 223 -18.95 -23.32 4.44
N LYS C 224 -20.16 -22.78 4.31
CA LYS C 224 -20.34 -21.45 3.68
C LYS C 224 -20.54 -20.31 4.68
N GLY C 225 -20.01 -20.48 5.88
CA GLY C 225 -20.07 -19.44 6.89
C GLY C 225 -21.42 -19.26 7.54
N TRP C 226 -21.51 -18.24 8.39
CA TRP C 226 -22.74 -17.87 9.07
C TRP C 226 -23.50 -16.85 8.24
N GLU C 227 -24.83 -16.97 8.20
CA GLU C 227 -25.67 -16.06 7.43
C GLU C 227 -25.64 -14.66 8.01
N ASP C 228 -25.53 -14.60 9.33
CA ASP C 228 -25.29 -13.34 10.03
C ASP C 228 -24.76 -13.59 11.45
N VAL C 229 -24.38 -12.49 12.10
CA VAL C 229 -23.73 -12.51 13.42
C VAL C 229 -24.70 -12.97 14.52
N ASP C 230 -25.97 -12.58 14.38
CA ASP C 230 -27.01 -13.11 15.27
C ASP C 230 -27.05 -14.65 15.22
N GLN C 231 -26.90 -15.24 14.03
CA GLN C 231 -26.87 -16.71 13.89
C GLN C 231 -25.63 -17.30 14.54
N PHE C 232 -24.52 -16.60 14.41
CA PHE C 232 -23.28 -16.95 15.08
C PHE C 232 -23.44 -16.92 16.58
N LEU C 233 -24.00 -15.83 17.10
CA LEU C 233 -24.04 -15.61 18.53
C LEU C 233 -25.06 -16.50 19.25
N ALA C 234 -26.04 -17.03 18.51
CA ALA C 234 -27.10 -17.86 19.11
C ALA C 234 -26.95 -19.35 18.79
N GLN C 235 -25.72 -19.78 18.52
CA GLN C 235 -25.45 -21.21 18.32
C GLN C 235 -25.28 -21.88 19.68
N PRO C 236 -25.55 -23.19 19.78
CA PRO C 236 -25.49 -23.86 21.08
C PRO C 236 -24.23 -23.57 21.92
N LEU C 237 -23.09 -23.42 21.24
CA LEU C 237 -21.80 -23.31 21.90
C LEU C 237 -21.66 -22.04 22.74
N LEU C 238 -22.42 -21.01 22.37
CA LEU C 238 -22.37 -19.74 23.07
C LEU C 238 -23.59 -19.54 23.98
N ALA C 239 -24.09 -20.63 24.57
CA ALA C 239 -25.28 -20.55 25.42
C ALA C 239 -24.98 -19.67 26.66
N ASP C 240 -23.89 -20.05 27.36
CA ASP C 240 -23.57 -19.55 28.71
C ASP C 240 -22.89 -18.19 28.77
N VAL C 241 -22.46 -17.69 27.64
CA VAL C 241 -21.90 -16.34 27.61
C VAL C 241 -23.05 -15.37 27.88
N ASP C 242 -22.70 -14.28 28.59
CA ASP C 242 -23.72 -13.33 29.05
C ASP C 242 -24.15 -12.40 27.93
N GLU C 243 -25.28 -11.72 28.17
CA GLU C 243 -25.96 -10.93 27.16
C GLU C 243 -25.20 -9.67 26.81
N ARG C 244 -24.52 -9.10 27.79
CA ARG C 244 -23.77 -7.87 27.61
C ARG C 244 -22.59 -8.13 26.69
N THR C 245 -21.87 -9.22 26.94
CA THR C 245 -20.79 -9.63 26.06
C THR C 245 -21.29 -9.86 24.64
N LYS C 246 -22.49 -10.44 24.50
CA LYS C 246 -23.08 -10.65 23.18
C LYS C 246 -23.47 -9.33 22.49
N LYS C 247 -24.05 -8.40 23.25
CA LYS C 247 -24.44 -7.09 22.71
C LYS C 247 -23.27 -6.28 22.14
N GLN C 248 -22.08 -6.46 22.73
CA GLN C 248 -20.91 -5.70 22.32
C GLN C 248 -20.12 -6.45 21.26
N LEU C 249 -20.08 -7.77 21.39
CA LEU C 249 -19.61 -8.62 20.31
C LEU C 249 -20.38 -8.30 19.02
N LYS C 250 -21.70 -8.10 19.12
CA LYS C 250 -22.49 -7.73 17.94
C LYS C 250 -22.05 -6.41 17.27
N THR C 251 -21.42 -5.52 18.04
CA THR C 251 -20.94 -4.24 17.50
C THR C 251 -19.57 -4.37 16.84
N VAL C 252 -18.86 -5.45 17.12
CA VAL C 252 -17.50 -5.63 16.62
C VAL C 252 -17.34 -6.78 15.60
N LEU C 253 -18.29 -7.70 15.54
CA LEU C 253 -18.21 -8.77 14.58
C LEU C 253 -18.99 -8.44 13.32
N SER C 254 -18.71 -9.18 12.25
CA SER C 254 -19.32 -9.01 10.94
C SER C 254 -19.35 -10.36 10.17
N VAL C 255 -20.15 -10.43 9.10
CA VAL C 255 -20.12 -11.60 8.18
C VAL C 255 -19.74 -11.16 6.75
N ASP C 256 -19.27 -9.92 6.67
CA ASP C 256 -19.04 -9.25 5.43
C ASP C 256 -17.69 -8.56 5.53
N SER C 257 -17.18 -8.11 4.40
CA SER C 257 -15.94 -7.35 4.39
C SER C 257 -15.84 -6.45 3.18
N ASN C 258 -15.12 -5.35 3.37
CA ASN C 258 -14.85 -4.44 2.29
C ASN C 258 -13.35 -4.30 2.00
N TYR C 259 -12.51 -5.00 2.75
CA TYR C 259 -11.07 -4.91 2.58
C TYR C 259 -10.41 -6.26 2.36
N PHE C 260 -9.55 -6.33 1.35
CA PHE C 260 -8.80 -7.55 1.05
C PHE C 260 -7.30 -7.29 0.96
N TRP C 261 -6.49 -8.26 1.39
CA TRP C 261 -5.05 -8.24 1.09
C TRP C 261 -4.70 -9.11 -0.13
N LEU C 262 -4.02 -8.52 -1.10
CA LEU C 262 -3.35 -9.28 -2.15
C LEU C 262 -1.84 -9.46 -1.85
N ARG C 263 -1.39 -10.71 -1.80
CA ARG C 263 0.06 -11.04 -1.90
C ARG C 263 0.41 -11.56 -3.32
N SER C 264 1.31 -10.86 -4.00
CA SER C 264 1.79 -11.28 -5.31
C SER C 264 3.27 -11.54 -5.20
N ASP C 265 3.67 -12.71 -5.70
CA ASP C 265 5.08 -13.06 -5.81
C ASP C 265 5.45 -13.16 -7.27
N ILE C 266 6.39 -12.31 -7.67
CA ILE C 266 6.69 -12.05 -9.05
C ILE C 266 8.14 -12.42 -9.31
N THR C 267 8.39 -13.09 -10.42
CA THR C 267 9.75 -13.49 -10.82
C THR C 267 9.98 -13.05 -12.26
N VAL C 268 11.09 -12.36 -12.50
CA VAL C 268 11.54 -12.06 -13.86
C VAL C 268 13.00 -12.38 -13.87
N ASN C 269 13.40 -13.33 -14.71
CA ASN C 269 14.75 -13.89 -14.63
C ASN C 269 15.14 -14.15 -13.18
N GLU C 270 16.15 -13.42 -12.68
CA GLU C 270 16.69 -13.67 -11.36
C GLU C 270 16.01 -12.80 -10.31
N ILE C 271 15.15 -11.89 -10.77
CA ILE C 271 14.47 -10.93 -9.90
C ILE C 271 13.26 -11.59 -9.24
N GLU C 272 13.21 -11.54 -7.91
CA GLU C 272 12.07 -11.98 -7.14
C GLU C 272 11.52 -10.81 -6.34
N LEU C 273 10.23 -10.53 -6.52
CA LEU C 273 9.57 -9.43 -5.85
C LEU C 273 8.28 -9.92 -5.21
N THR C 274 8.12 -9.63 -3.91
CA THR C 274 6.86 -9.75 -3.19
C THR C 274 6.18 -8.39 -3.03
N MET C 275 4.90 -8.31 -3.41
CA MET C 275 4.06 -7.09 -3.31
C MET C 275 2.86 -7.41 -2.43
N ASN C 276 2.61 -6.59 -1.41
CA ASN C 276 1.34 -6.62 -0.70
C ASN C 276 0.50 -5.40 -1.09
N SER C 277 -0.75 -5.66 -1.47
CA SER C 277 -1.69 -4.61 -1.89
C SER C 277 -2.97 -4.66 -1.05
N LEU C 278 -3.40 -3.51 -0.55
CA LEU C 278 -4.67 -3.39 0.16
C LEU C 278 -5.75 -2.96 -0.82
N ILE C 279 -6.77 -3.79 -0.95
CA ILE C 279 -7.84 -3.51 -1.90
C ILE C 279 -9.11 -3.12 -1.15
N VAL C 280 -9.77 -2.06 -1.62
CA VAL C 280 -11.05 -1.66 -1.05
C VAL C 280 -12.19 -1.95 -2.05
N ARG C 281 -13.28 -2.45 -1.52
CA ARG C 281 -14.52 -2.57 -2.28
C ARG C 281 -15.24 -1.23 -2.43
N MET C 282 -15.34 -0.75 -3.67
CA MET C 282 -15.93 0.58 -3.95
C MET C 282 -17.39 0.52 -4.37
N GLY C 283 -17.78 -0.57 -5.03
CA GLY C 283 -19.16 -0.79 -5.48
C GLY C 283 -19.38 -2.28 -5.63
N PRO C 284 -20.61 -2.69 -5.98
CA PRO C 284 -20.91 -4.14 -6.01
C PRO C 284 -19.96 -4.90 -6.94
N GLN C 285 -19.66 -4.32 -8.09
CA GLN C 285 -18.68 -4.85 -9.03
C GLN C 285 -17.50 -3.90 -9.21
N HIS C 286 -17.11 -3.21 -8.14
CA HIS C 286 -15.99 -2.26 -8.24
C HIS C 286 -15.05 -2.29 -7.03
N PHE C 287 -13.85 -2.80 -7.27
CA PHE C 287 -12.79 -2.89 -6.27
C PHE C 287 -11.58 -2.08 -6.77
N SER C 288 -10.88 -1.42 -5.84
CA SER C 288 -9.69 -0.62 -6.14
C SER C 288 -8.53 -0.86 -5.16
N VAL C 289 -7.32 -0.56 -5.61
CA VAL C 289 -6.14 -0.72 -4.76
C VAL C 289 -5.93 0.58 -4.03
N LEU C 290 -5.91 0.53 -2.71
CA LEU C 290 -5.66 1.73 -1.91
C LEU C 290 -4.19 2.12 -1.87
N TRP C 291 -3.32 1.14 -1.66
CA TRP C 291 -1.87 1.36 -1.70
C TRP C 291 -1.20 0.01 -1.81
N HIS C 292 0.07 0.01 -2.15
CA HIS C 292 0.84 -1.22 -2.16
C HIS C 292 2.29 -0.97 -1.77
N GLN C 293 2.95 -2.03 -1.33
CA GLN C 293 4.31 -1.99 -0.80
C GLN C 293 4.99 -3.31 -1.11
N THR C 294 6.29 -3.25 -1.36
CA THR C 294 7.11 -4.43 -1.35
C THR C 294 7.09 -5.03 0.08
N GLY C 295 6.93 -6.36 0.16
CA GLY C 295 6.75 -7.06 1.44
C GLY C 295 7.83 -8.10 1.65
N GLU C 296 7.92 -8.64 2.87
CA GLU C 296 8.86 -9.72 3.17
C GLU C 296 8.39 -11.03 2.53
N SER C 297 9.34 -11.82 2.02
CA SER C 297 9.01 -13.12 1.44
C SER C 297 8.26 -13.97 2.48
#